data_8EEC
#
_entry.id   8EEC
#
_cell.length_a   81.667
_cell.length_b   81.667
_cell.length_c   140.535
_cell.angle_alpha   90.000
_cell.angle_beta   90.000
_cell.angle_gamma   90.000
#
_symmetry.space_group_name_H-M   'P 41 21 2'
#
loop_
_entity.id
_entity.type
_entity.pdbx_description
1 polymer 'Isoform 2 of Mitogen-activated protein kinase kinase kinase kinase 1'
2 non-polymer 'PHOSPHATE ION'
3 water water
#
_entity_poly.entity_id   1
_entity_poly.type   'polypeptide(L)'
_entity_poly.pdbx_seq_one_letter_code
;GSRKGCALLVKLFNGCPLRIHSTAAWTHPSTKDQHLLLGAEEGIFILNRNDQEATLEMLFPSRTTWVYSINNVLMSLSGK
TPHLYSHSILGLLERKETRAGNPIAHISPHRLLAAKNMVSTKIQDTKGCRACCVAEGASSGGPFLCGALETSVVLLQWYQ
PMNKFLLVRQVLFPLPTPLSVFALLTGPGSELPAVCIGVSPGRPGKSVLFHTVRFGALSCWLGEMSTEHRGPVQVTQVEE
DMVMVLMDGSVKLVTPEGSPVRGLRTPEIPMTEAVEAVAMVGGQLQAFWKHGVQVWALGSDQLLQELRDPTLTFRLLGSP
RPVVVETRPVDDPTAPSNLYIQE
;
_entity_poly.pdbx_strand_id   A
#
loop_
_chem_comp.id
_chem_comp.type
_chem_comp.name
_chem_comp.formula
PO4 non-polymer 'PHOSPHATE ION' 'O4 P -3'
#
# COMPACT_ATOMS: atom_id res chain seq x y z
N ALA A 7 -8.94 4.79 22.15
CA ALA A 7 -10.35 4.54 21.90
C ALA A 7 -10.56 3.49 20.81
N LEU A 8 -9.75 3.56 19.75
CA LEU A 8 -9.92 2.70 18.58
C LEU A 8 -8.59 2.07 18.16
N LEU A 9 -7.52 2.83 18.36
CA LEU A 9 -6.19 2.40 17.99
C LEU A 9 -5.47 1.69 19.13
N VAL A 10 -4.82 0.58 18.83
CA VAL A 10 -4.07 -0.17 19.84
C VAL A 10 -2.59 0.07 19.70
N LYS A 11 -1.94 0.47 20.79
CA LYS A 11 -0.52 0.80 20.75
C LYS A 11 0.37 -0.43 20.55
N LEU A 12 1.30 -0.32 19.59
CA LEU A 12 2.23 -1.40 19.29
C LEU A 12 3.61 -1.16 19.89
N PHE A 13 4.02 0.11 19.93
CA PHE A 13 5.38 0.44 20.33
C PHE A 13 5.48 1.91 20.78
N ASN A 14 6.27 2.15 21.83
CA ASN A 14 6.53 3.49 22.35
C ASN A 14 7.92 4.00 21.99
N GLY A 15 7.98 5.10 21.27
CA GLY A 15 9.24 5.77 21.02
C GLY A 15 10.09 5.08 19.97
N CYS A 16 9.46 4.75 18.85
CA CYS A 16 10.17 4.16 17.71
C CYS A 16 11.11 5.17 17.08
N PRO A 17 12.42 4.88 17.08
CA PRO A 17 13.41 5.81 16.53
C PRO A 17 13.69 5.58 15.04
N LEU A 18 12.96 4.65 14.43
CA LEU A 18 13.15 4.33 13.02
C LEU A 18 12.36 5.26 12.12
N ARG A 19 12.82 5.41 10.88
CA ARG A 19 12.02 6.10 9.85
C ARG A 19 11.34 5.08 8.96
N ILE A 20 10.08 4.82 9.23
CA ILE A 20 9.33 3.74 8.59
C ILE A 20 8.67 4.16 7.28
N HIS A 21 8.88 3.37 6.22
CA HIS A 21 8.31 3.66 4.91
C HIS A 21 7.14 2.76 4.56
N SER A 22 7.18 1.54 5.06
CA SER A 22 6.24 0.53 4.59
C SER A 22 6.04 -0.52 5.68
N THR A 23 4.85 -1.13 5.72
CA THR A 23 4.58 -2.18 6.70
C THR A 23 3.86 -3.36 6.02
N ALA A 24 4.09 -4.56 6.55
CA ALA A 24 3.34 -5.74 6.13
C ALA A 24 3.26 -6.70 7.31
N ALA A 25 2.30 -7.62 7.27
CA ALA A 25 2.10 -8.54 8.38
C ALA A 25 2.62 -9.93 8.08
N TRP A 26 2.75 -10.75 9.11
CA TRP A 26 3.16 -12.13 8.97
C TRP A 26 2.84 -12.91 10.25
N THR A 27 2.33 -14.12 10.09
CA THR A 27 2.08 -14.99 11.25
C THR A 27 2.97 -16.22 11.21
N HIS A 28 3.69 -16.45 12.30
CA HIS A 28 4.54 -17.64 12.44
C HIS A 28 3.66 -18.89 12.36
N PRO A 29 4.01 -19.81 11.44
CA PRO A 29 3.29 -21.09 11.33
C PRO A 29 3.27 -21.84 12.66
N SER A 30 2.17 -22.53 12.94
CA SER A 30 1.98 -23.28 14.18
C SER A 30 2.00 -22.38 15.42
N THR A 31 1.82 -21.08 15.21
CA THR A 31 1.69 -20.12 16.30
C THR A 31 0.42 -19.30 16.08
N LYS A 32 0.24 -18.25 16.86
CA LYS A 32 -1.02 -17.51 16.87
C LYS A 32 -0.85 -16.05 16.50
N ASP A 33 0.08 -15.39 17.18
CA ASP A 33 0.27 -13.95 17.05
C ASP A 33 0.99 -13.56 15.76
N GLN A 34 0.38 -12.66 15.00
CA GLN A 34 1.02 -12.14 13.80
C GLN A 34 2.10 -11.14 14.20
N HIS A 35 3.17 -11.09 13.41
CA HIS A 35 4.22 -10.12 13.64
C HIS A 35 4.16 -9.03 12.59
N LEU A 36 4.46 -7.81 13.00
CA LEU A 36 4.55 -6.71 12.07
C LEU A 36 5.95 -6.66 11.47
N LEU A 37 6.00 -6.57 10.15
CA LEU A 37 7.25 -6.40 9.43
C LEU A 37 7.34 -4.95 8.95
N LEU A 38 8.48 -4.31 9.18
CA LEU A 38 8.60 -2.90 8.87
C LEU A 38 9.75 -2.62 7.91
N GLY A 39 9.46 -1.85 6.87
CA GLY A 39 10.47 -1.37 5.95
C GLY A 39 10.87 0.04 6.32
N ALA A 40 12.11 0.21 6.76
CA ALA A 40 12.55 1.49 7.27
C ALA A 40 13.81 1.95 6.58
N GLU A 41 14.14 3.23 6.75
CA GLU A 41 15.39 3.76 6.25
C GLU A 41 16.58 2.97 6.83
N GLU A 42 16.39 2.46 8.04
CA GLU A 42 17.47 1.76 8.74
C GLU A 42 17.48 0.26 8.40
N GLY A 43 16.46 -0.20 7.70
CA GLY A 43 16.39 -1.59 7.31
C GLY A 43 15.03 -2.24 7.52
N ILE A 44 15.00 -3.58 7.42
CA ILE A 44 13.77 -4.32 7.66
C ILE A 44 13.73 -4.87 9.07
N PHE A 45 12.62 -4.62 9.77
CA PHE A 45 12.48 -5.03 11.16
C PHE A 45 11.23 -5.87 11.38
N ILE A 46 11.27 -6.73 12.41
CA ILE A 46 10.09 -7.45 12.85
C ILE A 46 9.73 -7.03 14.27
N LEU A 47 8.45 -6.80 14.52
CA LEU A 47 8.01 -6.42 15.84
C LEU A 47 7.60 -7.66 16.63
N ASN A 48 8.32 -7.92 17.71
CA ASN A 48 7.98 -9.01 18.60
C ASN A 48 7.40 -8.50 19.91
N ARG A 49 6.65 -9.36 20.61
CA ARG A 49 6.08 -8.95 21.87
C ARG A 49 5.98 -10.11 22.85
N ASN A 50 6.94 -10.17 23.76
CA ASN A 50 6.85 -11.06 24.90
C ASN A 50 6.22 -10.31 26.07
N ASP A 51 5.04 -10.77 26.49
CA ASP A 51 4.29 -10.15 27.58
C ASP A 51 3.96 -8.68 27.28
N GLN A 52 4.52 -7.77 28.08
CA GLN A 52 4.24 -6.34 27.93
C GLN A 52 5.43 -5.57 27.35
N GLU A 53 6.40 -6.29 26.81
CA GLU A 53 7.56 -5.67 26.17
C GLU A 53 7.52 -5.89 24.66
N ALA A 54 7.55 -4.79 23.91
CA ALA A 54 7.68 -4.89 22.46
C ALA A 54 9.12 -4.62 22.04
N THR A 55 9.59 -5.36 21.03
CA THR A 55 10.95 -5.25 20.56
C THR A 55 11.00 -5.17 19.03
N LEU A 56 11.76 -4.22 18.51
CA LEU A 56 12.01 -4.14 17.09
C LEU A 56 13.35 -4.79 16.79
N GLU A 57 13.30 -5.91 16.09
CA GLU A 57 14.50 -6.69 15.78
C GLU A 57 14.85 -6.55 14.30
N MET A 58 16.09 -6.13 14.02
CA MET A 58 16.50 -5.96 12.63
C MET A 58 16.71 -7.29 11.93
N LEU A 59 16.18 -7.41 10.72
CA LEU A 59 16.33 -8.62 9.95
C LEU A 59 17.22 -8.41 8.73
N PHE A 60 17.12 -7.23 8.13
CA PHE A 60 17.81 -6.92 6.88
C PHE A 60 18.28 -5.47 6.91
N PRO A 61 19.60 -5.25 6.82
CA PRO A 61 20.20 -3.94 7.09
C PRO A 61 19.99 -2.85 6.01
N SER A 62 19.68 -3.23 4.77
CA SER A 62 19.54 -2.23 3.70
C SER A 62 18.32 -1.35 3.88
N ARG A 63 18.45 -0.07 3.53
CA ARG A 63 17.32 0.85 3.56
C ARG A 63 16.19 0.28 2.71
N THR A 64 14.95 0.42 3.18
CA THR A 64 13.82 -0.21 2.51
C THR A 64 12.60 0.70 2.45
N THR A 65 12.02 0.84 1.25
CA THR A 65 10.94 1.78 1.05
C THR A 65 9.62 1.09 0.84
N TRP A 66 9.68 -0.22 0.63
CA TRP A 66 8.50 -0.99 0.33
C TRP A 66 8.67 -2.42 0.76
N VAL A 67 7.62 -2.96 1.34
CA VAL A 67 7.67 -4.29 1.94
C VAL A 67 6.32 -4.99 1.71
N TYR A 68 6.38 -6.31 1.47
CA TYR A 68 5.18 -7.09 1.18
C TYR A 68 5.43 -8.56 1.48
N SER A 69 4.46 -9.22 2.11
CA SER A 69 4.62 -10.62 2.47
C SER A 69 3.49 -11.50 1.94
N ILE A 70 3.85 -12.71 1.55
CA ILE A 70 2.88 -13.72 1.19
C ILE A 70 3.44 -15.05 1.69
N ASN A 71 2.65 -15.76 2.48
CA ASN A 71 3.14 -16.93 3.19
C ASN A 71 4.42 -16.59 3.97
N ASN A 72 5.49 -17.33 3.73
CA ASN A 72 6.76 -17.10 4.43
C ASN A 72 7.78 -16.37 3.57
N VAL A 73 7.29 -15.56 2.64
CA VAL A 73 8.16 -14.80 1.77
C VAL A 73 7.97 -13.30 2.03
N LEU A 74 9.07 -12.58 2.14
CA LEU A 74 9.02 -11.12 2.23
C LEU A 74 9.63 -10.50 0.98
N MET A 75 8.84 -9.72 0.25
CA MET A 75 9.34 -8.96 -0.88
C MET A 75 9.72 -7.57 -0.40
N SER A 76 10.77 -6.99 -0.97
CA SER A 76 11.17 -5.65 -0.57
C SER A 76 11.81 -4.84 -1.68
N LEU A 77 11.65 -3.53 -1.58
CA LEU A 77 12.40 -2.59 -2.39
C LEU A 77 13.48 -2.01 -1.47
N SER A 78 14.73 -2.37 -1.74
CA SER A 78 15.81 -2.04 -0.81
C SER A 78 17.10 -1.60 -1.49
N GLY A 79 17.98 -0.98 -0.69
CA GLY A 79 19.31 -0.60 -1.16
C GLY A 79 19.42 0.83 -1.67
N LYS A 80 20.61 1.41 -1.51
CA LYS A 80 20.91 2.76 -2.00
C LYS A 80 20.68 2.85 -3.50
N THR A 81 21.12 1.81 -4.22
CA THR A 81 20.66 1.58 -5.56
C THR A 81 19.57 0.52 -5.44
N PRO A 82 18.31 0.93 -5.61
CA PRO A 82 17.17 0.06 -5.33
C PRO A 82 17.13 -1.20 -6.18
N HIS A 83 16.86 -2.32 -5.53
CA HIS A 83 16.52 -3.54 -6.22
C HIS A 83 15.29 -4.14 -5.55
N LEU A 84 14.52 -4.89 -6.32
CA LEU A 84 13.48 -5.71 -5.75
C LEU A 84 14.16 -6.96 -5.15
N TYR A 85 13.79 -7.30 -3.92
CA TYR A 85 14.32 -8.49 -3.27
C TYR A 85 13.21 -9.45 -2.87
N SER A 86 13.55 -10.72 -2.76
CA SER A 86 12.69 -11.66 -2.07
C SER A 86 13.49 -12.18 -0.87
N HIS A 87 12.82 -12.36 0.26
CA HIS A 87 13.49 -12.87 1.46
C HIS A 87 12.71 -14.04 2.03
N SER A 88 13.42 -15.07 2.44
CA SER A 88 12.82 -16.08 3.30
C SER A 88 12.74 -15.53 4.72
N ILE A 89 11.52 -15.37 5.21
CA ILE A 89 11.29 -14.80 6.54
C ILE A 89 11.89 -15.68 7.63
N LEU A 90 11.71 -16.99 7.50
CA LEU A 90 12.24 -17.94 8.47
C LEU A 90 13.77 -17.91 8.45
N GLY A 91 14.34 -17.86 7.25
CA GLY A 91 15.76 -17.70 7.10
C GLY A 91 16.28 -16.44 7.77
N LEU A 92 15.60 -15.31 7.54
CA LEU A 92 15.97 -14.05 8.17
C LEU A 92 15.95 -14.15 9.69
N LEU A 93 14.94 -14.84 10.22
CA LEU A 93 14.79 -15.00 11.66
C LEU A 93 15.87 -15.92 12.23
N GLU A 94 16.23 -16.94 11.46
CA GLU A 94 17.19 -17.93 11.92
C GLU A 94 18.61 -17.38 11.92
N ARG A 95 18.81 -16.27 11.21
CA ARG A 95 20.12 -15.61 11.21
C ARG A 95 20.24 -14.58 12.33
N LYS A 96 19.28 -14.60 13.25
CA LYS A 96 19.27 -13.64 14.35
C LYS A 96 18.97 -14.31 15.70
N GLU A 97 18.99 -15.64 15.71
CA GLU A 97 18.71 -16.38 16.94
C GLU A 97 19.98 -16.55 17.79
N THR A 98 19.84 -16.35 19.10
CA THR A 98 20.97 -16.47 20.01
C THR A 98 21.08 -17.89 20.56
N MET A 118 22.65 -16.34 0.47
CA MET A 118 21.82 -15.83 1.56
C MET A 118 20.42 -16.43 1.54
N VAL A 119 19.59 -15.99 2.49
CA VAL A 119 18.16 -16.28 2.52
C VAL A 119 17.45 -15.16 1.79
N SER A 120 18.27 -14.25 1.26
CA SER A 120 17.81 -13.02 0.68
C SER A 120 18.34 -12.89 -0.76
N THR A 121 17.43 -12.87 -1.72
CA THR A 121 17.79 -12.91 -3.14
C THR A 121 17.44 -11.62 -3.90
N LYS A 122 18.43 -11.06 -4.58
CA LYS A 122 18.21 -9.90 -5.43
C LYS A 122 17.59 -10.34 -6.76
N ILE A 123 16.54 -9.65 -7.18
CA ILE A 123 15.79 -10.11 -8.35
C ILE A 123 16.24 -9.41 -9.63
N GLN A 124 16.48 -10.22 -10.67
CA GLN A 124 17.04 -9.74 -11.93
C GLN A 124 16.19 -8.68 -12.62
N ASP A 125 16.86 -7.75 -13.28
CA ASP A 125 16.22 -6.74 -14.13
C ASP A 125 15.37 -5.75 -13.36
N THR A 126 15.56 -5.67 -12.03
CA THR A 126 14.79 -4.74 -11.21
C THR A 126 15.65 -3.61 -10.66
N LYS A 127 16.88 -3.51 -11.16
CA LYS A 127 17.80 -2.45 -10.74
C LYS A 127 17.25 -1.07 -11.09
N GLY A 128 17.14 -0.21 -10.08
CA GLY A 128 16.65 1.13 -10.27
C GLY A 128 15.16 1.26 -10.03
N CYS A 129 14.53 0.16 -9.57
CA CYS A 129 13.09 0.12 -9.37
C CYS A 129 12.61 1.22 -8.42
N ARG A 130 11.67 2.02 -8.89
CA ARG A 130 11.20 3.18 -8.15
C ARG A 130 9.97 2.91 -7.28
N ALA A 131 9.20 1.88 -7.62
CA ALA A 131 7.92 1.64 -6.96
C ALA A 131 7.36 0.27 -7.31
N CYS A 132 6.68 -0.34 -6.35
CA CYS A 132 6.03 -1.62 -6.58
C CYS A 132 4.58 -1.56 -6.14
N CYS A 133 3.68 -2.05 -6.99
CA CYS A 133 2.29 -2.20 -6.59
C CYS A 133 1.87 -3.65 -6.72
N VAL A 134 0.78 -4.01 -6.04
CA VAL A 134 0.32 -5.38 -5.95
C VAL A 134 -1.10 -5.53 -6.49
N ALA A 135 -1.39 -6.66 -7.12
CA ALA A 135 -2.77 -7.02 -7.44
C ALA A 135 -3.04 -8.43 -6.90
N GLU A 136 -4.01 -8.56 -6.00
CA GLU A 136 -4.31 -9.85 -5.41
C GLU A 136 -5.12 -10.73 -6.36
N GLY A 137 -4.54 -11.04 -7.51
CA GLY A 137 -5.19 -11.90 -8.49
C GLY A 137 -6.46 -11.31 -9.08
N ALA A 138 -7.59 -11.98 -8.84
CA ALA A 138 -7.60 -13.23 -8.08
C ALA A 138 -7.87 -14.41 -9.01
N SER A 139 -8.74 -14.18 -9.99
CA SER A 139 -9.11 -15.22 -10.95
C SER A 139 -8.00 -15.43 -11.99
N SER A 140 -6.99 -14.58 -11.94
CA SER A 140 -5.96 -14.55 -12.96
C SER A 140 -4.72 -15.37 -12.61
N GLY A 141 -4.79 -16.11 -11.51
CA GLY A 141 -3.66 -16.91 -11.09
C GLY A 141 -2.56 -16.07 -10.47
N GLY A 142 -2.94 -15.00 -9.77
CA GLY A 142 -1.98 -14.16 -9.09
C GLY A 142 -1.56 -14.70 -7.74
N PRO A 143 -1.08 -13.82 -6.85
CA PRO A 143 -0.96 -12.36 -7.02
C PRO A 143 0.14 -11.90 -7.99
N PHE A 144 0.09 -10.62 -8.33
CA PHE A 144 1.02 -10.01 -9.28
C PHE A 144 1.75 -8.82 -8.66
N LEU A 145 3.05 -8.70 -8.94
CA LEU A 145 3.82 -7.53 -8.57
C LEU A 145 4.22 -6.76 -9.81
N CYS A 146 4.10 -5.43 -9.76
CA CYS A 146 4.56 -4.60 -10.86
C CYS A 146 5.57 -3.59 -10.37
N GLY A 147 6.78 -3.67 -10.91
CA GLY A 147 7.82 -2.71 -10.57
C GLY A 147 8.01 -1.69 -11.67
N ALA A 148 8.15 -0.43 -11.27
CA ALA A 148 8.38 0.65 -12.22
C ALA A 148 9.86 0.96 -12.36
N LEU A 149 10.35 0.96 -13.58
CA LEU A 149 11.74 1.33 -13.85
C LEU A 149 11.78 2.72 -14.48
N GLU A 150 12.58 2.92 -15.51
CA GLU A 150 12.71 4.25 -16.12
C GLU A 150 11.84 4.40 -17.37
N THR A 151 11.97 3.46 -18.30
CA THR A 151 11.19 3.48 -19.53
C THR A 151 10.39 2.19 -19.66
N SER A 152 10.40 1.39 -18.61
CA SER A 152 9.70 0.11 -18.64
C SER A 152 9.14 -0.29 -17.28
N VAL A 153 8.27 -1.28 -17.29
CA VAL A 153 7.80 -1.90 -16.05
C VAL A 153 8.09 -3.39 -16.10
N VAL A 154 8.21 -4.02 -14.93
CA VAL A 154 8.34 -5.47 -14.85
C VAL A 154 7.09 -6.04 -14.21
N LEU A 155 6.65 -7.20 -14.70
CA LEU A 155 5.51 -7.87 -14.11
C LEU A 155 5.92 -9.19 -13.52
N LEU A 156 5.64 -9.37 -12.23
CA LEU A 156 5.99 -10.62 -11.58
C LEU A 156 4.74 -11.34 -11.15
N GLN A 157 4.74 -12.66 -11.33
CA GLN A 157 3.60 -13.48 -11.00
C GLN A 157 3.98 -14.51 -9.96
N TRP A 158 3.08 -14.74 -9.02
CA TRP A 158 3.32 -15.72 -7.98
C TRP A 158 3.29 -17.12 -8.56
N TYR A 159 4.34 -17.88 -8.31
CA TYR A 159 4.41 -19.26 -8.78
C TYR A 159 4.50 -20.20 -7.59
N GLN A 160 3.35 -20.74 -7.19
CA GLN A 160 3.21 -21.55 -5.98
C GLN A 160 4.18 -22.73 -5.86
N PRO A 161 4.39 -23.53 -6.93
CA PRO A 161 5.30 -24.68 -6.76
C PRO A 161 6.70 -24.35 -6.25
N MET A 162 7.10 -23.08 -6.29
CA MET A 162 8.40 -22.70 -5.75
C MET A 162 8.29 -21.64 -4.66
N ASN A 163 7.06 -21.25 -4.32
CA ASN A 163 6.80 -20.11 -3.43
C ASN A 163 7.67 -18.92 -3.80
N LYS A 164 7.49 -18.45 -5.02
CA LYS A 164 8.40 -17.47 -5.58
C LYS A 164 7.68 -16.62 -6.61
N PHE A 165 8.04 -15.34 -6.67
CA PHE A 165 7.57 -14.47 -7.74
C PHE A 165 8.49 -14.60 -8.94
N LEU A 166 7.92 -14.79 -10.12
CA LEU A 166 8.74 -14.91 -11.31
C LEU A 166 8.42 -13.81 -12.31
N LEU A 167 9.47 -13.26 -12.92
CA LEU A 167 9.31 -12.20 -13.90
C LEU A 167 8.79 -12.80 -15.21
N VAL A 168 7.51 -12.61 -15.47
CA VAL A 168 6.88 -13.19 -16.65
C VAL A 168 6.89 -12.21 -17.83
N ARG A 169 6.89 -10.91 -17.55
CA ARG A 169 6.90 -9.91 -18.61
C ARG A 169 7.65 -8.64 -18.23
N GLN A 170 8.50 -8.17 -19.14
CA GLN A 170 9.11 -6.85 -19.03
C GLN A 170 8.79 -6.07 -20.31
N VAL A 171 8.19 -4.88 -20.16
CA VAL A 171 7.78 -4.12 -21.32
C VAL A 171 8.06 -2.63 -21.19
N LEU A 172 8.41 -1.99 -22.30
CA LEU A 172 8.47 -0.54 -22.36
C LEU A 172 7.12 0.05 -21.94
N PHE A 173 7.17 1.18 -21.24
CA PHE A 173 5.98 1.73 -20.63
C PHE A 173 6.20 3.23 -20.42
N PRO A 174 5.18 4.03 -20.71
CA PRO A 174 5.28 5.49 -20.51
C PRO A 174 5.10 5.86 -19.04
N LEU A 175 6.19 6.08 -18.32
CA LEU A 175 6.14 6.43 -16.91
C LEU A 175 6.30 7.93 -16.67
N PRO A 176 5.32 8.54 -15.98
CA PRO A 176 5.41 9.94 -15.54
C PRO A 176 6.60 10.18 -14.61
N THR A 177 7.05 11.42 -14.57
CA THR A 177 8.09 11.81 -13.63
C THR A 177 7.75 13.17 -13.02
N PRO A 178 7.50 13.21 -11.71
CA PRO A 178 7.60 12.06 -10.81
C PRO A 178 6.40 11.12 -10.89
N LEU A 179 6.57 9.90 -10.41
CA LEU A 179 5.47 8.95 -10.31
C LEU A 179 4.45 9.47 -9.31
N SER A 180 3.19 9.43 -9.68
CA SER A 180 2.15 9.77 -8.72
C SER A 180 1.32 8.51 -8.45
N VAL A 181 0.25 8.33 -9.22
CA VAL A 181 -0.52 7.11 -9.12
C VAL A 181 0.24 5.97 -9.80
N PHE A 182 0.38 4.85 -9.09
CA PHE A 182 0.95 3.64 -9.67
C PHE A 182 0.30 2.44 -9.00
N ALA A 183 -0.78 1.96 -9.60
CA ALA A 183 -1.58 0.88 -9.03
C ALA A 183 -1.92 -0.17 -10.10
N LEU A 184 -2.20 -1.39 -9.66
CA LEU A 184 -2.69 -2.41 -10.56
C LEU A 184 -4.21 -2.52 -10.45
N LEU A 185 -4.90 -2.36 -11.57
CA LEU A 185 -6.34 -2.55 -11.61
C LEU A 185 -6.69 -3.83 -12.35
N THR A 186 -7.62 -4.60 -11.82
CA THR A 186 -8.07 -5.80 -12.49
C THR A 186 -9.59 -5.86 -12.61
N GLY A 187 -10.09 -5.74 -13.83
CA GLY A 187 -11.50 -5.89 -14.08
C GLY A 187 -11.85 -7.36 -14.11
N PRO A 188 -13.14 -7.69 -13.93
CA PRO A 188 -13.57 -9.07 -14.14
C PRO A 188 -13.38 -9.46 -15.60
N GLY A 189 -12.81 -10.62 -15.86
CA GLY A 189 -12.53 -11.02 -17.23
C GLY A 189 -11.12 -10.66 -17.68
N SER A 190 -10.44 -9.79 -16.96
CA SER A 190 -9.05 -9.48 -17.26
C SER A 190 -8.19 -10.71 -16.98
N GLU A 191 -7.40 -11.13 -17.97
CA GLU A 191 -6.49 -12.25 -17.77
C GLU A 191 -5.26 -11.77 -16.99
N LEU A 192 -4.92 -10.51 -17.20
CA LEU A 192 -3.82 -9.85 -16.48
C LEU A 192 -4.30 -8.52 -15.96
N PRO A 193 -3.73 -8.06 -14.84
CA PRO A 193 -4.06 -6.71 -14.36
C PRO A 193 -3.49 -5.67 -15.32
N ALA A 194 -4.02 -4.46 -15.27
CA ALA A 194 -3.48 -3.35 -16.05
C ALA A 194 -2.84 -2.30 -15.12
N VAL A 195 -2.02 -1.42 -15.69
CA VAL A 195 -1.34 -0.40 -14.88
C VAL A 195 -2.07 0.94 -14.93
N CYS A 196 -2.45 1.45 -13.77
CA CYS A 196 -3.06 2.76 -13.65
C CYS A 196 -2.00 3.74 -13.17
N ILE A 197 -1.68 4.73 -14.01
CA ILE A 197 -0.69 5.73 -13.64
C ILE A 197 -1.30 7.12 -13.47
N GLY A 198 -2.62 7.18 -13.29
CA GLY A 198 -3.30 8.43 -13.00
C GLY A 198 -4.81 8.31 -12.96
N VAL A 199 -5.47 9.37 -12.50
CA VAL A 199 -6.93 9.41 -12.49
C VAL A 199 -7.40 10.84 -12.68
N SER A 200 -8.57 10.99 -13.29
CA SER A 200 -9.14 12.30 -13.58
C SER A 200 -10.63 12.31 -13.25
N PRO A 201 -11.21 13.51 -13.08
CA PRO A 201 -12.66 13.60 -12.89
C PRO A 201 -13.43 13.16 -14.12
N GLY A 202 -14.58 12.54 -13.93
CA GLY A 202 -15.46 12.16 -15.02
C GLY A 202 -16.79 12.87 -14.86
N ARG A 203 -17.86 12.08 -14.72
CA ARG A 203 -19.17 12.64 -14.41
C ARG A 203 -19.14 13.23 -13.01
N PRO A 204 -19.39 14.55 -12.90
CA PRO A 204 -19.25 15.35 -11.68
C PRO A 204 -19.88 14.73 -10.43
N GLY A 205 -19.07 14.03 -9.64
CA GLY A 205 -19.52 13.45 -8.39
C GLY A 205 -20.14 12.06 -8.49
N LYS A 206 -19.83 11.33 -9.56
CA LYS A 206 -20.39 10.00 -9.75
C LYS A 206 -19.37 8.99 -10.28
N SER A 207 -18.52 9.42 -11.21
CA SER A 207 -17.54 8.51 -11.81
C SER A 207 -16.17 9.15 -11.98
N VAL A 208 -15.16 8.33 -12.29
CA VAL A 208 -13.82 8.83 -12.55
C VAL A 208 -13.29 8.25 -13.86
N LEU A 209 -12.28 8.91 -14.41
CA LEU A 209 -11.62 8.39 -15.60
C LEU A 209 -10.21 7.93 -15.24
N PHE A 210 -10.02 6.61 -15.23
CA PHE A 210 -8.75 6.02 -14.90
C PHE A 210 -7.77 6.13 -16.07
N HIS A 211 -6.50 6.36 -15.75
CA HIS A 211 -5.47 6.36 -16.77
C HIS A 211 -4.77 5.01 -16.74
N THR A 212 -5.43 3.98 -17.29
CA THR A 212 -4.86 2.65 -17.24
C THR A 212 -4.35 2.19 -18.60
N VAL A 213 -3.15 1.62 -18.56
CA VAL A 213 -2.47 1.10 -19.73
C VAL A 213 -2.26 -0.40 -19.55
N ARG A 214 -2.72 -1.18 -20.52
CA ARG A 214 -2.47 -2.62 -20.53
C ARG A 214 -1.01 -2.92 -20.84
N PHE A 215 -0.51 -4.04 -20.34
CA PHE A 215 0.89 -4.41 -20.55
C PHE A 215 1.20 -4.60 -22.02
N GLY A 216 2.20 -3.87 -22.49
CA GLY A 216 2.59 -3.90 -23.89
C GLY A 216 2.07 -2.69 -24.66
N ALA A 217 1.13 -1.96 -24.05
CA ALA A 217 0.56 -0.78 -24.72
C ALA A 217 1.34 0.49 -24.35
N LEU A 218 1.28 1.50 -25.22
CA LEU A 218 1.98 2.75 -24.98
C LEU A 218 1.03 3.94 -25.11
N SER A 219 0.34 4.26 -24.02
CA SER A 219 -0.58 5.37 -24.02
C SER A 219 -0.20 6.39 -22.95
N CYS A 220 -0.72 7.60 -23.10
CA CYS A 220 -0.51 8.67 -22.13
C CYS A 220 -1.66 9.65 -22.25
N TRP A 221 -1.78 10.56 -21.29
CA TRP A 221 -2.87 11.51 -21.31
C TRP A 221 -2.36 12.94 -21.39
N LEU A 222 -2.92 13.71 -22.33
CA LEU A 222 -2.47 15.07 -22.60
C LEU A 222 -3.46 16.12 -22.09
N GLY A 223 -3.17 17.37 -22.39
CA GLY A 223 -4.07 18.47 -22.15
C GLY A 223 -4.29 18.78 -20.67
N GLU A 224 -5.55 18.72 -20.24
CA GLU A 224 -5.89 18.95 -18.85
C GLU A 224 -5.31 17.87 -17.93
N MET A 225 -4.02 17.61 -18.10
CA MET A 225 -3.26 16.78 -17.19
C MET A 225 -3.02 17.61 -15.94
N SER A 226 -4.07 17.79 -15.16
CA SER A 226 -4.04 18.62 -13.97
C SER A 226 -2.86 18.23 -13.08
N THR A 227 -1.94 19.17 -12.91
CA THR A 227 -0.75 18.95 -12.11
C THR A 227 -1.10 18.57 -10.68
N GLU A 228 -1.18 17.26 -10.43
CA GLU A 228 -1.51 16.70 -9.13
C GLU A 228 -2.87 17.18 -8.60
N HIS A 229 -3.83 17.31 -9.52
CA HIS A 229 -5.21 17.68 -9.20
C HIS A 229 -5.28 18.89 -8.28
N ARG A 230 -5.18 18.60 -7.00
CA ARG A 230 -5.11 19.61 -5.98
C ARG A 230 -4.11 19.15 -4.92
N GLY A 231 -4.53 18.16 -4.15
CA GLY A 231 -3.68 17.57 -3.13
C GLY A 231 -3.70 16.06 -3.22
N PRO A 232 -3.93 15.40 -2.08
CA PRO A 232 -3.87 13.93 -1.97
C PRO A 232 -4.74 13.19 -2.98
N VAL A 233 -4.12 12.26 -3.69
CA VAL A 233 -4.85 11.36 -4.58
C VAL A 233 -4.42 9.91 -4.29
N GLN A 234 -5.37 8.99 -4.39
CA GLN A 234 -5.10 7.59 -4.09
C GLN A 234 -6.04 6.65 -4.85
N VAL A 235 -5.45 5.62 -5.48
CA VAL A 235 -6.21 4.63 -6.21
C VAL A 235 -5.91 3.25 -5.63
N THR A 236 -6.93 2.58 -5.11
CA THR A 236 -6.74 1.31 -4.45
C THR A 236 -7.90 0.36 -4.74
N GLN A 237 -7.60 -0.74 -5.43
CA GLN A 237 -8.63 -1.74 -5.65
C GLN A 237 -8.90 -2.51 -4.36
N VAL A 238 -10.16 -2.51 -3.94
CA VAL A 238 -10.53 -3.10 -2.65
C VAL A 238 -11.34 -4.37 -2.85
N GLU A 239 -11.98 -4.49 -4.01
CA GLU A 239 -12.74 -5.68 -4.35
C GLU A 239 -12.54 -6.00 -5.82
N GLU A 240 -12.90 -7.23 -6.20
CA GLU A 240 -12.80 -7.69 -7.58
C GLU A 240 -13.44 -6.73 -8.60
N ASP A 241 -14.49 -6.02 -8.17
CA ASP A 241 -15.16 -5.06 -9.07
C ASP A 241 -15.36 -3.70 -8.40
N MET A 242 -14.51 -3.36 -7.44
CA MET A 242 -14.64 -2.07 -6.77
C MET A 242 -13.29 -1.43 -6.50
N VAL A 243 -13.17 -0.18 -6.90
CA VAL A 243 -11.96 0.59 -6.65
C VAL A 243 -12.25 1.81 -5.80
N MET A 244 -11.46 2.00 -4.75
CA MET A 244 -11.56 3.17 -3.88
C MET A 244 -10.71 4.30 -4.43
N VAL A 245 -11.31 5.47 -4.65
CA VAL A 245 -10.56 6.60 -5.17
C VAL A 245 -10.66 7.82 -4.27
N LEU A 246 -9.51 8.30 -3.81
CA LEU A 246 -9.44 9.58 -3.11
C LEU A 246 -8.97 10.64 -4.09
N MET A 247 -9.82 11.62 -4.35
CA MET A 247 -9.51 12.66 -5.32
C MET A 247 -10.31 13.93 -5.03
N ASP A 248 -9.62 15.06 -5.00
CA ASP A 248 -10.24 16.37 -4.80
C ASP A 248 -11.20 16.40 -3.62
N GLY A 249 -10.65 16.12 -2.44
CA GLY A 249 -11.42 16.16 -1.20
C GLY A 249 -12.62 15.24 -1.16
N SER A 250 -12.58 14.15 -1.90
CA SER A 250 -13.70 13.22 -1.93
C SER A 250 -13.24 11.77 -2.07
N VAL A 251 -14.05 10.85 -1.56
CA VAL A 251 -13.79 9.43 -1.76
C VAL A 251 -14.91 8.83 -2.60
N LYS A 252 -14.54 8.24 -3.73
CA LYS A 252 -15.50 7.62 -4.63
C LYS A 252 -15.26 6.12 -4.72
N LEU A 253 -16.34 5.34 -4.65
CA LEU A 253 -16.26 3.91 -4.91
C LEU A 253 -16.73 3.64 -6.34
N VAL A 254 -15.81 3.17 -7.17
CA VAL A 254 -16.10 2.96 -8.59
C VAL A 254 -15.67 1.58 -9.06
N THR A 255 -16.21 1.16 -10.20
CA THR A 255 -15.78 -0.05 -10.86
C THR A 255 -14.37 0.17 -11.42
N PRO A 256 -13.65 -0.93 -11.75
CA PRO A 256 -12.29 -0.76 -12.30
C PRO A 256 -12.26 0.03 -13.61
N GLU A 257 -13.40 0.13 -14.27
CA GLU A 257 -13.51 0.92 -15.50
C GLU A 257 -13.81 2.39 -15.16
N GLY A 258 -14.15 2.65 -13.90
CA GLY A 258 -14.38 4.02 -13.46
C GLY A 258 -15.84 4.39 -13.32
N SER A 259 -16.72 3.44 -13.62
CA SER A 259 -18.17 3.65 -13.49
C SER A 259 -18.57 3.64 -12.03
N PRO A 260 -19.67 4.31 -11.69
CA PRO A 260 -20.16 4.24 -10.32
C PRO A 260 -20.66 2.83 -10.00
N VAL A 261 -20.41 2.35 -8.78
CA VAL A 261 -20.82 1.01 -8.41
C VAL A 261 -22.30 0.96 -8.00
N ARG A 262 -23.18 0.65 -8.94
CA ARG A 262 -24.59 0.54 -8.62
C ARG A 262 -24.83 -0.70 -7.77
N GLY A 263 -25.53 -0.50 -6.66
CA GLY A 263 -25.73 -1.56 -5.68
C GLY A 263 -24.65 -1.48 -4.62
N LEU A 264 -24.90 -0.70 -3.56
CA LEU A 264 -26.19 -0.03 -3.39
C LEU A 264 -26.15 1.44 -3.83
N ARG A 265 -26.69 2.31 -2.99
CA ARG A 265 -26.95 3.70 -3.36
C ARG A 265 -25.90 4.67 -2.83
N THR A 266 -25.64 5.72 -3.60
CA THR A 266 -24.79 6.86 -3.20
C THR A 266 -23.32 6.51 -2.91
N PRO A 267 -22.58 6.04 -3.92
CA PRO A 267 -21.21 5.63 -3.64
C PRO A 267 -20.17 6.77 -3.60
N GLU A 268 -20.52 7.91 -3.01
CA GLU A 268 -19.54 8.98 -2.80
C GLU A 268 -19.61 9.52 -1.38
N ILE A 269 -18.44 9.80 -0.79
CA ILE A 269 -18.35 10.40 0.53
C ILE A 269 -17.41 11.61 0.53
N PRO A 270 -17.96 12.81 0.76
CA PRO A 270 -17.12 14.00 0.85
C PRO A 270 -16.31 14.02 2.14
N MET A 271 -15.07 14.49 2.07
CA MET A 271 -14.19 14.46 3.22
C MET A 271 -14.24 15.78 3.96
N THR A 272 -14.67 15.71 5.22
CA THR A 272 -14.74 16.88 6.08
C THR A 272 -13.36 17.41 6.42
N GLU A 273 -12.38 16.51 6.46
CA GLU A 273 -11.01 16.89 6.81
C GLU A 273 -10.07 16.80 5.62
N ALA A 274 -8.91 17.43 5.75
CA ALA A 274 -7.87 17.33 4.74
C ALA A 274 -7.25 15.93 4.75
N VAL A 275 -8.02 14.95 4.30
CA VAL A 275 -7.63 13.54 4.37
C VAL A 275 -6.44 13.24 3.46
N GLU A 276 -5.44 12.57 4.01
CA GLU A 276 -4.22 12.25 3.28
C GLU A 276 -4.22 10.83 2.71
N ALA A 277 -4.87 9.91 3.42
CA ALA A 277 -4.91 8.52 3.02
C ALA A 277 -6.23 7.86 3.41
N VAL A 278 -6.62 6.82 2.67
CA VAL A 278 -7.83 6.06 2.98
C VAL A 278 -7.61 4.56 2.88
N ALA A 279 -8.49 3.78 3.50
CA ALA A 279 -8.41 2.32 3.46
C ALA A 279 -9.80 1.71 3.68
N MET A 280 -10.04 0.56 3.06
CA MET A 280 -11.26 -0.20 3.36
C MET A 280 -10.92 -1.39 4.25
N VAL A 281 -11.51 -1.44 5.44
CA VAL A 281 -11.14 -2.47 6.40
C VAL A 281 -12.22 -3.54 6.57
N GLY A 282 -13.22 -3.27 7.39
CA GLY A 282 -14.26 -4.26 7.65
C GLY A 282 -15.48 -4.01 6.79
N GLY A 283 -15.28 -3.50 5.59
CA GLY A 283 -16.38 -3.02 4.78
C GLY A 283 -16.67 -1.58 5.19
N GLN A 284 -15.79 -1.04 6.01
CA GLN A 284 -15.88 0.34 6.49
C GLN A 284 -14.76 1.19 5.91
N LEU A 285 -15.04 2.46 5.69
CA LEU A 285 -14.05 3.41 5.18
C LEU A 285 -13.28 4.10 6.29
N GLN A 286 -11.98 3.86 6.36
CA GLN A 286 -11.13 4.56 7.30
C GLN A 286 -10.34 5.66 6.60
N ALA A 287 -10.52 6.90 7.07
CA ALA A 287 -9.79 8.03 6.52
C ALA A 287 -8.77 8.51 7.52
N PHE A 288 -7.65 9.05 7.04
CA PHE A 288 -6.56 9.49 7.90
C PHE A 288 -6.13 10.89 7.51
N TRP A 289 -6.00 11.75 8.51
CA TRP A 289 -5.50 13.11 8.28
C TRP A 289 -4.53 13.52 9.39
N LYS A 290 -3.85 14.64 9.17
CA LYS A 290 -2.77 15.10 10.06
C LYS A 290 -3.05 14.98 11.56
N HIS A 291 -4.30 15.16 11.97
CA HIS A 291 -4.61 15.10 13.39
C HIS A 291 -5.75 14.15 13.72
N GLY A 292 -5.89 13.07 12.96
CA GLY A 292 -6.90 12.09 13.30
C GLY A 292 -7.22 10.95 12.35
N VAL A 293 -8.13 10.10 12.79
CA VAL A 293 -8.59 8.94 12.05
C VAL A 293 -10.12 8.91 12.10
N GLN A 294 -10.76 8.78 10.95
CA GLN A 294 -12.21 8.69 10.92
C GLN A 294 -12.66 7.36 10.32
N VAL A 295 -13.78 6.85 10.81
CA VAL A 295 -14.38 5.65 10.23
C VAL A 295 -15.74 5.99 9.63
N TRP A 296 -15.98 5.52 8.41
CA TRP A 296 -17.28 5.74 7.76
C TRP A 296 -17.89 4.38 7.43
N ALA A 297 -19.21 4.33 7.31
CA ALA A 297 -19.88 3.06 7.07
C ALA A 297 -20.32 2.86 5.63
N LEU A 298 -20.54 1.59 5.27
CA LEU A 298 -21.13 1.16 3.99
C LEU A 298 -20.84 2.02 2.76
N GLY A 299 -21.88 2.25 1.96
CA GLY A 299 -21.75 2.93 0.68
C GLY A 299 -21.69 4.44 0.79
N SER A 300 -22.13 4.94 1.94
CA SER A 300 -22.13 6.36 2.36
C SER A 300 -23.31 6.60 3.29
N ASP A 301 -23.05 6.76 4.57
CA ASP A 301 -24.12 7.07 5.51
C ASP A 301 -23.59 7.67 6.81
N GLN A 302 -23.27 6.80 7.76
CA GLN A 302 -22.91 7.21 9.11
C GLN A 302 -21.50 7.80 9.18
N LEU A 303 -20.90 7.75 10.37
CA LEU A 303 -19.56 8.29 10.59
C LEU A 303 -18.96 7.58 11.80
N LEU A 304 -19.73 6.65 12.35
CA LEU A 304 -19.28 5.74 13.42
C LEU A 304 -18.31 6.35 14.42
N GLN A 305 -17.05 5.94 14.35
CA GLN A 305 -16.02 6.40 15.27
C GLN A 305 -15.21 7.55 14.71
N GLU A 306 -14.49 8.24 15.59
CA GLU A 306 -13.56 9.28 15.18
C GLU A 306 -12.54 9.53 16.28
N LEU A 307 -11.28 9.70 15.88
CA LEU A 307 -10.21 10.02 16.79
C LEU A 307 -9.62 11.37 16.39
N ARG A 308 -9.63 12.34 17.29
CA ARG A 308 -9.06 13.66 17.00
C ARG A 308 -8.11 14.12 18.10
N ASP A 309 -6.99 14.70 17.70
CA ASP A 309 -6.01 15.21 18.63
C ASP A 309 -5.05 16.17 17.95
N PRO A 310 -5.20 17.48 18.21
CA PRO A 310 -4.39 18.52 17.57
C PRO A 310 -2.93 18.46 18.00
N THR A 311 -2.66 17.76 19.10
CA THR A 311 -1.31 17.68 19.65
C THR A 311 -0.50 16.53 19.01
N LEU A 312 -1.18 15.67 18.27
CA LEU A 312 -0.53 14.53 17.62
C LEU A 312 -0.60 14.60 16.09
N THR A 313 0.56 14.53 15.44
CA THR A 313 0.63 14.38 14.00
C THR A 313 0.48 12.90 13.63
N PHE A 314 -0.62 12.57 12.94
CA PHE A 314 -0.90 11.19 12.53
C PHE A 314 -0.35 10.90 11.13
N ARG A 315 -0.04 9.63 10.88
CA ARG A 315 0.52 9.22 9.60
C ARG A 315 0.25 7.74 9.32
N LEU A 316 -0.52 7.47 8.27
CA LEU A 316 -0.80 6.10 7.89
C LEU A 316 0.46 5.42 7.34
N LEU A 317 0.79 4.24 7.87
CA LEU A 317 1.97 3.51 7.44
C LEU A 317 1.62 2.30 6.58
N GLY A 318 0.52 1.64 6.89
CA GLY A 318 0.13 0.42 6.19
C GLY A 318 -1.34 0.09 6.34
N SER A 319 -1.88 -0.60 5.33
CA SER A 319 -3.30 -0.89 5.22
C SER A 319 -3.56 -1.85 4.07
N PRO A 320 -4.70 -2.57 4.10
CA PRO A 320 -5.70 -2.62 5.16
C PRO A 320 -5.44 -3.73 6.18
N ARG A 321 -4.54 -4.65 5.87
CA ARG A 321 -4.28 -5.78 6.76
C ARG A 321 -2.79 -5.90 7.11
N PRO A 322 -2.41 -5.32 8.26
CA PRO A 322 -3.34 -4.55 9.09
C PRO A 322 -3.24 -3.06 8.82
N VAL A 323 -4.05 -2.29 9.52
CA VAL A 323 -3.90 -0.85 9.52
C VAL A 323 -2.84 -0.47 10.55
N VAL A 324 -1.81 0.23 10.10
CA VAL A 324 -0.74 0.66 11.00
C VAL A 324 -0.63 2.18 10.95
N VAL A 325 -0.74 2.81 12.12
CA VAL A 325 -0.72 4.27 12.20
C VAL A 325 0.42 4.76 13.10
N GLU A 326 0.95 5.94 12.76
CA GLU A 326 2.09 6.53 13.46
C GLU A 326 1.76 7.91 14.03
N THR A 327 2.15 8.17 15.28
CA THR A 327 1.95 9.49 15.89
C THR A 327 3.24 10.13 16.39
N ARG A 328 3.30 11.46 16.30
CA ARG A 328 4.38 12.25 16.87
C ARG A 328 3.80 13.55 17.43
N PRO A 329 4.46 14.11 18.47
CA PRO A 329 4.01 15.41 18.99
C PRO A 329 4.10 16.51 17.93
N VAL A 330 3.09 17.38 17.89
CA VAL A 330 3.04 18.48 16.93
C VAL A 330 3.82 19.68 17.42
N ASP A 331 4.76 20.17 16.63
CA ASP A 331 5.19 19.49 15.41
C ASP A 331 6.67 19.18 15.55
N ASP A 332 6.96 18.00 16.08
CA ASP A 332 8.33 17.59 16.34
C ASP A 332 8.67 16.33 15.53
N PRO A 333 9.01 16.50 14.24
CA PRO A 333 9.34 15.35 13.38
C PRO A 333 10.64 14.66 13.80
N THR A 334 11.42 15.33 14.64
CA THR A 334 12.67 14.79 15.17
C THR A 334 12.40 13.71 16.23
N ALA A 335 11.25 13.84 16.90
CA ALA A 335 10.88 12.94 17.98
C ALA A 335 10.68 11.49 17.53
N PRO A 336 10.93 10.54 18.45
CA PRO A 336 10.53 9.15 18.19
C PRO A 336 9.02 9.06 18.12
N SER A 337 8.52 8.03 17.44
CA SER A 337 7.10 7.90 17.22
C SER A 337 6.47 6.78 18.04
N ASN A 338 5.15 6.83 18.18
CA ASN A 338 4.40 5.70 18.74
C ASN A 338 3.66 4.98 17.62
N LEU A 339 3.61 3.65 17.69
CA LEU A 339 2.97 2.87 16.64
C LEU A 339 1.65 2.28 17.12
N TYR A 340 0.69 2.16 16.21
CA TYR A 340 -0.62 1.61 16.52
C TYR A 340 -1.14 0.63 15.47
N ILE A 341 -2.06 -0.24 15.86
CA ILE A 341 -2.88 -1.01 14.91
C ILE A 341 -4.36 -0.70 15.08
N GLN A 342 -5.15 -1.19 14.14
CA GLN A 342 -6.60 -0.98 14.16
C GLN A 342 -7.32 -2.14 14.82
P PO4 B . 9.81 9.46 4.50
O1 PO4 B . 9.76 9.24 3.01
O2 PO4 B . 8.96 8.41 5.19
O3 PO4 B . 9.26 10.83 4.82
O4 PO4 B . 11.24 9.37 5.00
P PO4 C . 22.11 0.59 1.86
O1 PO4 C . 22.47 0.27 0.41
O2 PO4 C . 22.95 1.72 2.38
O3 PO4 C . 22.36 -0.66 2.67
O4 PO4 C . 20.66 0.99 1.97
P PO4 D . 0.56 18.42 -21.35
O1 PO4 D . -0.15 17.41 -22.19
O2 PO4 D . 1.74 17.79 -20.64
O3 PO4 D . 1.06 19.55 -22.23
O4 PO4 D . -0.39 18.95 -20.30
P PO4 E . 14.96 0.90 -17.77
O1 PO4 E . 15.08 -0.53 -18.24
O2 PO4 E . 13.50 1.30 -17.75
O3 PO4 E . 15.71 1.81 -18.71
O4 PO4 E . 15.54 1.02 -16.38
P PO4 F . 19.81 -6.15 -12.65
O1 PO4 F . 19.99 -7.55 -13.17
O2 PO4 F . 19.15 -5.28 -13.68
O3 PO4 F . 21.17 -5.57 -12.29
O4 PO4 F . 18.94 -6.19 -11.40
P PO4 G . 23.61 8.18 1.65
O1 PO4 G . 24.65 7.14 1.28
O2 PO4 G . 22.92 7.75 2.92
O3 PO4 G . 22.60 8.32 0.54
O4 PO4 G . 24.29 9.50 1.88
#